data_1MOT
#
_entry.id   1MOT
#
_entity_poly.entity_id   1
_entity_poly.type   'polypeptide(L)'
_entity_poly.pdbx_seq_one_letter_code
;APARVGLGITTVLTMTTQSSGSRASLPK
;
_entity_poly.pdbx_strand_id   A
#
# COMPACT_ATOMS: atom_id res chain seq x y z
N ALA A 1 -7.70 -7.69 -15.72
CA ALA A 1 -7.67 -7.58 -14.23
C ALA A 1 -8.30 -6.28 -13.76
N PRO A 2 -8.83 -6.27 -12.53
CA PRO A 2 -9.46 -5.08 -11.94
C PRO A 2 -8.45 -3.96 -11.66
N ALA A 3 -8.49 -2.91 -12.47
CA ALA A 3 -7.59 -1.77 -12.32
C ALA A 3 -7.77 -1.07 -10.96
N ARG A 4 -9.02 -0.91 -10.56
CA ARG A 4 -9.35 -0.27 -9.28
C ARG A 4 -8.74 -1.05 -8.11
N VAL A 5 -8.90 -2.38 -8.15
CA VAL A 5 -8.35 -3.24 -7.11
C VAL A 5 -6.83 -3.19 -7.09
N GLY A 6 -6.22 -3.32 -8.27
CA GLY A 6 -4.77 -3.26 -8.38
C GLY A 6 -4.22 -1.95 -7.85
N LEU A 7 -4.83 -0.84 -8.28
CA LEU A 7 -4.44 0.49 -7.83
C LEU A 7 -4.62 0.62 -6.32
N GLY A 8 -5.76 0.16 -5.84
CA GLY A 8 -6.05 0.22 -4.42
C GLY A 8 -5.07 -0.57 -3.57
N ILE A 9 -4.85 -1.84 -3.90
CA ILE A 9 -3.91 -2.66 -3.14
C ILE A 9 -2.49 -2.10 -3.22
N THR A 10 -2.11 -1.60 -4.41
CA THR A 10 -0.79 -1.00 -4.60
C THR A 10 -0.65 0.24 -3.72
N THR A 11 -1.71 1.05 -3.69
CA THR A 11 -1.72 2.26 -2.87
C THR A 11 -1.59 1.90 -1.39
N VAL A 12 -2.40 0.94 -0.94
CA VAL A 12 -2.37 0.47 0.44
C VAL A 12 -0.98 -0.07 0.79
N LEU A 13 -0.45 -0.95 -0.08
CA LEU A 13 0.88 -1.52 0.12
C LEU A 13 1.93 -0.41 0.20
N THR A 14 1.77 0.61 -0.64
CA THR A 14 2.67 1.75 -0.65
C THR A 14 2.59 2.51 0.68
N MET A 15 1.35 2.80 1.10
CA MET A 15 1.12 3.53 2.35
C MET A 15 1.65 2.77 3.58
N THR A 16 1.36 1.47 3.66
CA THR A 16 1.81 0.67 4.81
C THR A 16 3.29 0.27 4.69
N THR A 17 4.16 1.26 4.50
CA THR A 17 5.60 1.04 4.38
C THR A 17 6.19 0.38 5.63
N GLN A 18 5.83 0.91 6.81
CA GLN A 18 6.31 0.40 8.11
C GLN A 18 7.81 0.64 8.32
N SER A 19 8.61 0.33 7.31
CA SER A 19 10.06 0.53 7.36
C SER A 19 10.43 2.01 7.34
N SER A 20 9.53 2.84 6.83
CA SER A 20 9.73 4.29 6.73
C SER A 20 10.87 4.64 5.77
N GLY A 21 10.84 4.04 4.58
CA GLY A 21 11.86 4.29 3.58
C GLY A 21 11.34 4.20 2.17
N SER A 22 10.22 4.89 1.91
CA SER A 22 9.55 4.91 0.58
C SER A 22 8.91 3.57 0.23
N ARG A 23 9.70 2.50 0.29
CA ARG A 23 9.22 1.15 0.00
C ARG A 23 8.59 0.52 1.23
N ALA A 24 7.64 -0.39 1.02
CA ALA A 24 6.98 -1.09 2.11
C ALA A 24 7.92 -2.16 2.69
N SER A 25 7.48 -3.42 2.70
CA SER A 25 8.32 -4.50 3.20
C SER A 25 9.32 -4.96 2.17
N LEU A 26 10.05 -3.99 1.64
CA LEU A 26 11.11 -4.25 0.68
C LEU A 26 12.40 -3.56 1.13
N PRO A 27 12.81 -3.72 2.43
CA PRO A 27 14.04 -3.07 2.98
C PRO A 27 15.36 -3.50 2.30
N LYS A 28 15.43 -3.31 0.98
CA LYS A 28 16.62 -3.66 0.20
C LYS A 28 16.58 -2.99 -1.18
N ALA A 1 -19.32 -4.24 -5.74
CA ALA A 1 -17.90 -4.55 -6.10
C ALA A 1 -17.10 -3.27 -6.34
N PRO A 2 -15.76 -3.33 -6.17
CA PRO A 2 -14.87 -2.18 -6.36
C PRO A 2 -14.60 -1.84 -7.83
N ALA A 3 -13.40 -1.35 -8.13
CA ALA A 3 -13.02 -0.98 -9.50
C ALA A 3 -11.52 -1.12 -9.74
N ARG A 4 -10.73 -0.26 -9.12
CA ARG A 4 -9.28 -0.31 -9.27
C ARG A 4 -8.63 -1.08 -8.15
N VAL A 5 -8.89 -2.38 -8.15
CA VAL A 5 -8.34 -3.29 -7.15
C VAL A 5 -6.82 -3.21 -7.10
N GLY A 6 -6.18 -3.33 -8.27
CA GLY A 6 -4.73 -3.26 -8.35
C GLY A 6 -4.19 -1.94 -7.82
N LEU A 7 -4.82 -0.83 -8.23
CA LEU A 7 -4.42 0.49 -7.78
C LEU A 7 -4.60 0.63 -6.27
N GLY A 8 -5.74 0.16 -5.78
CA GLY A 8 -6.03 0.23 -4.37
C GLY A 8 -5.05 -0.56 -3.53
N ILE A 9 -4.83 -1.84 -3.88
CA ILE A 9 -3.89 -2.66 -3.13
C ILE A 9 -2.46 -2.10 -3.24
N THR A 10 -2.12 -1.57 -4.41
CA THR A 10 -0.81 -0.97 -4.62
C THR A 10 -0.65 0.27 -3.75
N THR A 11 -1.73 1.08 -3.70
CA THR A 11 -1.74 2.29 -2.88
C THR A 11 -1.61 1.93 -1.40
N VAL A 12 -2.43 0.98 -0.96
CA VAL A 12 -2.39 0.52 0.43
C VAL A 12 -1.01 -0.05 0.76
N LEU A 13 -0.51 -0.94 -0.11
CA LEU A 13 0.82 -1.54 0.07
C LEU A 13 1.88 -0.45 0.18
N THR A 14 1.76 0.56 -0.68
CA THR A 14 2.68 1.70 -0.68
C THR A 14 2.61 2.45 0.65
N MET A 15 1.39 2.73 1.10
CA MET A 15 1.16 3.44 2.36
C MET A 15 1.70 2.64 3.57
N THR A 16 1.27 1.39 3.70
CA THR A 16 1.73 0.54 4.81
C THR A 16 3.04 -0.18 4.44
N THR A 17 3.99 0.58 3.89
CA THR A 17 5.29 0.04 3.47
C THR A 17 6.22 -0.24 4.67
N GLN A 18 5.68 -0.83 5.72
CA GLN A 18 6.45 -1.16 6.91
C GLN A 18 6.92 -2.62 6.88
N SER A 19 7.77 -2.97 5.92
CA SER A 19 8.27 -4.34 5.79
C SER A 19 9.59 -4.40 5.01
N SER A 20 10.57 -5.09 5.58
CA SER A 20 11.88 -5.24 4.93
C SER A 20 11.92 -6.51 4.08
N GLY A 21 12.16 -6.35 2.78
CA GLY A 21 12.21 -7.50 1.88
C GLY A 21 12.41 -7.10 0.43
N SER A 22 11.63 -7.70 -0.47
CA SER A 22 11.74 -7.40 -1.91
C SER A 22 11.45 -5.93 -2.20
N ARG A 23 10.44 -5.37 -1.53
CA ARG A 23 10.08 -3.97 -1.72
C ARG A 23 11.04 -3.06 -0.94
N ALA A 24 11.61 -2.09 -1.64
CA ALA A 24 12.54 -1.15 -1.03
C ALA A 24 11.82 -0.15 -0.11
N SER A 25 11.60 -0.55 1.14
CA SER A 25 10.91 0.31 2.11
C SER A 25 11.79 1.46 2.58
N LEU A 26 12.20 2.29 1.65
CA LEU A 26 13.00 3.47 1.96
C LEU A 26 12.33 4.76 1.42
N PRO A 27 10.97 4.91 1.55
CA PRO A 27 10.26 6.11 1.06
C PRO A 27 10.74 7.40 1.74
N LYS A 28 11.15 7.27 3.00
CA LYS A 28 11.64 8.40 3.77
C LYS A 28 12.53 7.93 4.94
N ALA A 1 -10.12 -5.78 -16.73
CA ALA A 1 -9.12 -6.10 -15.68
C ALA A 1 -9.43 -5.35 -14.39
N PRO A 2 -9.00 -5.89 -13.23
CA PRO A 2 -9.23 -5.28 -11.91
C PRO A 2 -8.32 -4.06 -11.65
N ALA A 3 -8.43 -3.03 -12.50
CA ALA A 3 -7.62 -1.82 -12.36
C ALA A 3 -7.83 -1.14 -11.01
N ARG A 4 -9.09 -1.02 -10.60
CA ARG A 4 -9.43 -0.41 -9.31
C ARG A 4 -8.79 -1.19 -8.16
N VAL A 5 -8.89 -2.52 -8.24
CA VAL A 5 -8.30 -3.40 -7.24
C VAL A 5 -6.79 -3.24 -7.18
N GLY A 6 -6.16 -3.29 -8.36
CA GLY A 6 -4.71 -3.12 -8.45
C GLY A 6 -4.25 -1.80 -7.85
N LEU A 7 -4.93 -0.72 -8.22
CA LEU A 7 -4.62 0.61 -7.70
C LEU A 7 -4.77 0.65 -6.18
N GLY A 8 -5.88 0.10 -5.70
CA GLY A 8 -6.14 0.10 -4.28
C GLY A 8 -5.11 -0.69 -3.49
N ILE A 9 -4.85 -1.93 -3.89
CA ILE A 9 -3.87 -2.76 -3.18
C ILE A 9 -2.45 -2.17 -3.25
N THR A 10 -2.07 -1.64 -4.42
CA THR A 10 -0.73 -1.05 -4.58
C THR A 10 -0.57 0.22 -3.74
N THR A 11 -1.59 1.08 -3.73
CA THR A 11 -1.53 2.31 -2.95
C THR A 11 -1.50 2.00 -1.46
N VAL A 12 -2.39 1.11 -1.02
CA VAL A 12 -2.44 0.70 0.38
C VAL A 12 -1.11 0.07 0.80
N LEU A 13 -0.58 -0.82 -0.04
CA LEU A 13 0.71 -1.46 0.24
C LEU A 13 1.82 -0.42 0.33
N THR A 14 1.85 0.49 -0.64
CA THR A 14 2.85 1.56 -0.67
C THR A 14 2.75 2.43 0.58
N MET A 15 1.54 2.86 0.89
CA MET A 15 1.29 3.70 2.06
C MET A 15 1.67 2.98 3.37
N THR A 16 1.25 1.72 3.53
CA THR A 16 1.55 0.97 4.74
C THR A 16 3.05 0.67 4.90
N THR A 17 3.75 0.38 3.81
CA THR A 17 5.19 0.10 3.90
C THR A 17 5.98 1.39 4.15
N GLN A 18 5.49 2.51 3.60
CA GLN A 18 6.13 3.80 3.79
C GLN A 18 5.98 4.26 5.24
N SER A 19 4.79 4.05 5.79
CA SER A 19 4.48 4.39 7.17
C SER A 19 4.77 3.20 8.10
N SER A 20 4.08 3.13 9.23
CA SER A 20 4.27 2.03 10.17
C SER A 20 3.64 0.75 9.63
N GLY A 21 4.43 -0.32 9.54
CA GLY A 21 3.92 -1.60 9.04
C GLY A 21 2.99 -2.28 10.03
N SER A 22 1.87 -1.64 10.33
CA SER A 22 0.88 -2.16 11.26
C SER A 22 -0.43 -1.39 11.15
N ARG A 23 -1.55 -2.13 11.31
CA ARG A 23 -2.90 -1.55 11.23
C ARG A 23 -3.27 -1.16 9.79
N ALA A 24 -2.97 -2.05 8.85
CA ALA A 24 -3.27 -1.80 7.45
C ALA A 24 -4.67 -2.33 7.09
N SER A 25 -5.47 -1.50 6.44
CA SER A 25 -6.82 -1.90 6.03
C SER A 25 -6.84 -2.58 4.67
N LEU A 26 -8.06 -2.88 4.23
CA LEU A 26 -8.29 -3.59 2.96
C LEU A 26 -7.53 -4.94 2.91
N PRO A 27 -7.50 -5.72 4.03
CA PRO A 27 -6.79 -7.02 4.06
C PRO A 27 -7.20 -7.98 2.93
N LYS A 28 -6.21 -8.58 2.27
CA LYS A 28 -6.45 -9.53 1.18
C LYS A 28 -5.48 -10.72 1.26
N ALA A 1 -17.87 -5.62 -6.30
CA ALA A 1 -16.61 -6.04 -6.99
C ALA A 1 -15.45 -5.14 -6.58
N PRO A 2 -14.21 -5.65 -6.66
CA PRO A 2 -13.00 -4.90 -6.31
C PRO A 2 -12.68 -3.78 -7.29
N ALA A 3 -13.42 -2.67 -7.20
CA ALA A 3 -13.22 -1.53 -8.09
C ALA A 3 -11.77 -1.04 -8.03
N ARG A 4 -11.10 -1.11 -9.18
CA ARG A 4 -9.71 -0.68 -9.30
C ARG A 4 -8.82 -1.31 -8.22
N VAL A 5 -9.02 -2.60 -8.01
CA VAL A 5 -8.28 -3.38 -7.01
C VAL A 5 -6.77 -3.16 -7.08
N GLY A 6 -6.21 -3.31 -8.27
CA GLY A 6 -4.77 -3.14 -8.48
C GLY A 6 -4.23 -1.84 -7.90
N LEU A 7 -4.84 -0.71 -8.28
CA LEU A 7 -4.41 0.58 -7.76
C LEU A 7 -4.65 0.67 -6.27
N GLY A 8 -5.80 0.17 -5.83
CA GLY A 8 -6.12 0.18 -4.42
C GLY A 8 -5.13 -0.59 -3.57
N ILE A 9 -4.86 -1.85 -3.95
CA ILE A 9 -3.91 -2.67 -3.20
C ILE A 9 -2.49 -2.11 -3.27
N THR A 10 -2.06 -1.64 -4.45
CA THR A 10 -0.71 -1.07 -4.58
C THR A 10 -0.59 0.20 -3.75
N THR A 11 -1.65 1.01 -3.72
CA THR A 11 -1.65 2.24 -2.94
C THR A 11 -1.57 1.91 -1.44
N VAL A 12 -2.43 0.99 -0.99
CA VAL A 12 -2.41 0.57 0.41
C VAL A 12 -1.05 -0.01 0.79
N LEU A 13 -0.51 -0.88 -0.07
CA LEU A 13 0.79 -1.49 0.16
C LEU A 13 1.86 -0.41 0.29
N THR A 14 1.83 0.56 -0.62
CA THR A 14 2.76 1.69 -0.60
C THR A 14 2.64 2.48 0.69
N MET A 15 1.41 2.84 1.04
CA MET A 15 1.13 3.59 2.25
C MET A 15 1.58 2.84 3.52
N THR A 16 1.24 1.56 3.61
CA THR A 16 1.61 0.77 4.79
C THR A 16 3.12 0.52 4.89
N THR A 17 3.79 0.24 3.75
CA THR A 17 5.23 -0.03 3.77
C THR A 17 6.03 1.23 4.11
N GLN A 18 5.56 2.40 3.65
CA GLN A 18 6.24 3.66 3.92
C GLN A 18 5.87 4.19 5.31
N SER A 19 4.61 3.97 5.71
CA SER A 19 4.10 4.44 7.01
C SER A 19 4.17 5.97 7.12
N SER A 20 4.81 6.48 8.17
CA SER A 20 4.95 7.93 8.37
C SER A 20 6.03 8.54 7.46
N GLY A 21 6.04 8.13 6.19
CA GLY A 21 7.01 8.65 5.23
C GLY A 21 6.69 10.05 4.72
N SER A 22 6.55 10.99 5.66
CA SER A 22 6.25 12.39 5.33
C SER A 22 7.27 13.00 4.37
N ARG A 23 6.78 13.73 3.37
CA ARG A 23 7.65 14.40 2.39
C ARG A 23 8.54 13.40 1.64
N ALA A 24 7.94 12.33 1.14
CA ALA A 24 8.67 11.29 0.41
C ALA A 24 9.74 10.63 1.29
N SER A 25 9.33 10.22 2.49
CA SER A 25 10.21 9.58 3.48
C SER A 25 11.31 10.51 3.94
N LEU A 26 10.91 11.71 4.35
CA LEU A 26 11.84 12.68 4.89
C LEU A 26 11.34 13.16 6.26
N PRO A 27 10.97 12.22 7.19
CA PRO A 27 10.44 12.56 8.54
C PRO A 27 11.39 13.39 9.45
N LYS A 28 11.77 14.57 8.99
CA LYS A 28 12.64 15.45 9.78
C LYS A 28 11.94 16.76 10.17
N ALA A 1 -10.17 -5.84 -16.52
CA ALA A 1 -9.12 -6.14 -15.51
C ALA A 1 -9.40 -5.39 -14.20
N PRO A 2 -8.90 -5.90 -13.06
CA PRO A 2 -9.10 -5.27 -11.76
C PRO A 2 -8.21 -4.04 -11.55
N ALA A 3 -8.34 -3.06 -12.43
CA ALA A 3 -7.54 -1.83 -12.34
C ALA A 3 -7.73 -1.12 -11.00
N ARG A 4 -8.98 -0.95 -10.58
CA ARG A 4 -9.29 -0.29 -9.31
C ARG A 4 -8.72 -1.10 -8.14
N VAL A 5 -8.85 -2.42 -8.22
CA VAL A 5 -8.33 -3.32 -7.19
C VAL A 5 -6.81 -3.23 -7.12
N GLY A 6 -6.17 -3.34 -8.29
CA GLY A 6 -4.72 -3.24 -8.37
C GLY A 6 -4.22 -1.91 -7.83
N LEU A 7 -4.84 -0.82 -8.27
CA LEU A 7 -4.48 0.51 -7.81
C LEU A 7 -4.66 0.64 -6.29
N GLY A 8 -5.80 0.15 -5.81
CA GLY A 8 -6.09 0.21 -4.40
C GLY A 8 -5.10 -0.57 -3.55
N ILE A 9 -4.87 -1.85 -3.89
CA ILE A 9 -3.91 -2.66 -3.13
C ILE A 9 -2.50 -2.09 -3.21
N THR A 10 -2.13 -1.58 -4.39
CA THR A 10 -0.81 -0.97 -4.59
C THR A 10 -0.67 0.27 -3.71
N THR A 11 -1.73 1.08 -3.67
CA THR A 11 -1.74 2.31 -2.85
C THR A 11 -1.61 1.95 -1.38
N VAL A 12 -2.41 0.98 -0.93
CA VAL A 12 -2.37 0.53 0.46
C VAL A 12 -0.99 -0.04 0.81
N LEU A 13 -0.47 -0.93 -0.04
CA LEU A 13 0.85 -1.52 0.16
C LEU A 13 1.93 -0.45 0.22
N THR A 14 1.82 0.54 -0.67
CA THR A 14 2.76 1.65 -0.72
C THR A 14 2.70 2.49 0.57
N MET A 15 1.47 2.84 0.97
CA MET A 15 1.26 3.64 2.19
C MET A 15 1.72 2.87 3.44
N THR A 16 1.23 1.65 3.62
CA THR A 16 1.60 0.85 4.78
C THR A 16 1.99 -0.58 4.39
N THR A 17 3.09 -1.05 4.95
CA THR A 17 3.57 -2.40 4.66
C THR A 17 2.70 -3.46 5.33
N GLN A 18 2.16 -3.12 6.51
CA GLN A 18 1.31 -4.04 7.27
C GLN A 18 0.50 -3.27 8.31
N SER A 19 -0.81 -3.47 8.30
CA SER A 19 -1.71 -2.81 9.24
C SER A 19 -3.08 -3.51 9.26
N SER A 20 -3.67 -3.68 8.09
CA SER A 20 -4.96 -4.35 7.97
C SER A 20 -4.84 -5.83 8.31
N GLY A 21 -5.79 -6.35 9.09
CA GLY A 21 -5.75 -7.76 9.47
C GLY A 21 -7.12 -8.36 9.70
N SER A 22 -7.23 -9.67 9.48
CA SER A 22 -8.50 -10.40 9.65
C SER A 22 -9.02 -10.36 11.09
N ARG A 23 -10.31 -10.06 11.24
CA ARG A 23 -10.99 -9.98 12.56
C ARG A 23 -10.53 -8.76 13.37
N ALA A 24 -9.22 -8.64 13.54
CA ALA A 24 -8.63 -7.53 14.27
C ALA A 24 -7.37 -7.07 13.56
N SER A 25 -7.32 -5.78 13.22
CA SER A 25 -6.17 -5.23 12.53
C SER A 25 -5.13 -4.69 13.50
N LEU A 26 -4.06 -4.14 12.93
CA LEU A 26 -2.95 -3.62 13.70
C LEU A 26 -2.31 -4.72 14.60
N PRO A 27 -2.23 -6.02 14.14
CA PRO A 27 -1.64 -7.10 14.94
C PRO A 27 -0.18 -6.83 15.31
N LYS A 28 0.55 -6.27 14.35
CA LYS A 28 1.96 -5.94 14.52
C LYS A 28 2.44 -5.13 13.31
N ALA A 1 -1.39 -1.06 -13.76
CA ALA A 1 -1.94 -1.73 -12.55
C ALA A 1 -3.26 -2.43 -12.86
N PRO A 2 -3.60 -3.49 -12.10
CA PRO A 2 -4.84 -4.27 -12.29
C PRO A 2 -6.13 -3.49 -11.97
N ALA A 3 -6.35 -2.41 -12.71
CA ALA A 3 -7.55 -1.56 -12.55
C ALA A 3 -7.71 -1.01 -11.13
N ARG A 4 -8.97 -0.93 -10.68
CA ARG A 4 -9.31 -0.41 -9.36
C ARG A 4 -8.69 -1.21 -8.22
N VAL A 5 -8.87 -2.53 -8.26
CA VAL A 5 -8.32 -3.42 -7.22
C VAL A 5 -6.80 -3.29 -7.15
N GLY A 6 -6.17 -3.35 -8.31
CA GLY A 6 -4.73 -3.23 -8.38
C GLY A 6 -4.24 -1.89 -7.83
N LEU A 7 -4.89 -0.81 -8.23
CA LEU A 7 -4.54 0.52 -7.74
C LEU A 7 -4.72 0.61 -6.23
N GLY A 8 -5.86 0.11 -5.75
CA GLY A 8 -6.15 0.13 -4.34
C GLY A 8 -5.12 -0.62 -3.50
N ILE A 9 -4.82 -1.86 -3.88
CA ILE A 9 -3.83 -2.65 -3.14
C ILE A 9 -2.43 -2.03 -3.27
N THR A 10 -2.09 -1.50 -4.45
CA THR A 10 -0.79 -0.86 -4.67
C THR A 10 -0.62 0.35 -3.76
N THR A 11 -1.65 1.19 -3.70
CA THR A 11 -1.61 2.40 -2.87
C THR A 11 -1.56 2.02 -1.39
N VAL A 12 -2.42 1.09 -0.98
CA VAL A 12 -2.43 0.63 0.41
C VAL A 12 -1.07 0.02 0.79
N LEU A 13 -0.57 -0.91 -0.04
CA LEU A 13 0.72 -1.55 0.20
C LEU A 13 1.83 -0.49 0.29
N THR A 14 1.85 0.44 -0.66
CA THR A 14 2.85 1.52 -0.69
C THR A 14 2.80 2.33 0.61
N MET A 15 1.60 2.72 1.01
CA MET A 15 1.39 3.50 2.22
C MET A 15 1.75 2.70 3.50
N THR A 16 1.28 1.46 3.59
CA THR A 16 1.54 0.64 4.78
C THR A 16 3.02 0.25 4.95
N THR A 17 3.72 0.01 3.83
CA THR A 17 5.14 -0.38 3.89
C THR A 17 6.03 0.84 4.19
N GLN A 18 5.42 2.02 4.30
CA GLN A 18 6.14 3.26 4.56
C GLN A 18 7.11 3.57 3.42
N SER A 19 6.61 3.47 2.19
CA SER A 19 7.41 3.74 0.99
C SER A 19 7.73 5.23 0.89
N SER A 20 8.85 5.54 0.24
CA SER A 20 9.30 6.93 0.06
C SER A 20 8.41 7.71 -0.92
N GLY A 21 7.11 7.77 -0.63
CA GLY A 21 6.16 8.48 -1.47
C GLY A 21 4.74 8.40 -0.94
N SER A 22 3.77 8.24 -1.84
CA SER A 22 2.35 8.14 -1.47
C SER A 22 1.88 9.38 -0.68
N ARG A 23 1.03 9.16 0.33
CA ARG A 23 0.47 10.23 1.18
C ARG A 23 -0.56 11.09 0.43
N ALA A 24 -1.79 11.12 0.96
CA ALA A 24 -2.88 11.91 0.35
C ALA A 24 -3.13 11.47 -1.10
N SER A 25 -3.39 12.44 -1.98
CA SER A 25 -3.62 12.13 -3.40
C SER A 25 -2.34 12.06 -4.18
N LEU A 26 -1.38 11.32 -3.65
CA LEU A 26 -0.12 11.09 -4.33
C LEU A 26 0.16 9.60 -4.45
N PRO A 27 -0.82 8.79 -4.97
CA PRO A 27 -0.71 7.31 -5.11
C PRO A 27 0.49 6.80 -5.95
N LYS A 28 1.69 7.28 -5.64
CA LYS A 28 2.89 6.89 -6.35
C LYS A 28 4.14 7.17 -5.49
N ALA A 1 -0.20 -1.01 -13.14
CA ALA A 1 -1.21 -1.73 -12.32
C ALA A 1 -2.54 -1.87 -13.09
N PRO A 2 -3.38 -2.84 -12.69
CA PRO A 2 -4.68 -3.09 -13.35
C PRO A 2 -5.75 -2.03 -13.03
N ALA A 3 -6.97 -2.48 -12.79
CA ALA A 3 -8.09 -1.58 -12.49
C ALA A 3 -8.05 -1.04 -11.04
N ARG A 4 -9.23 -0.79 -10.48
CA ARG A 4 -9.38 -0.25 -9.12
C ARG A 4 -8.72 -1.15 -8.07
N VAL A 5 -8.91 -2.46 -8.22
CA VAL A 5 -8.34 -3.44 -7.28
C VAL A 5 -6.82 -3.28 -7.18
N GLY A 6 -6.15 -3.31 -8.31
CA GLY A 6 -4.71 -3.17 -8.36
C GLY A 6 -4.25 -1.82 -7.81
N LEU A 7 -4.94 -0.76 -8.23
CA LEU A 7 -4.62 0.58 -7.75
C LEU A 7 -4.74 0.68 -6.24
N GLY A 8 -5.85 0.15 -5.72
CA GLY A 8 -6.09 0.18 -4.30
C GLY A 8 -5.07 -0.62 -3.50
N ILE A 9 -4.84 -1.88 -3.88
CA ILE A 9 -3.87 -2.71 -3.15
C ILE A 9 -2.45 -2.13 -3.24
N THR A 10 -2.06 -1.63 -4.43
CA THR A 10 -0.73 -1.04 -4.58
C THR A 10 -0.60 0.24 -3.76
N THR A 11 -1.66 1.06 -3.75
CA THR A 11 -1.65 2.30 -2.98
C THR A 11 -1.55 1.99 -1.48
N VAL A 12 -2.39 1.06 -1.02
CA VAL A 12 -2.39 0.65 0.38
C VAL A 12 -1.03 0.06 0.76
N LEU A 13 -0.53 -0.87 -0.05
CA LEU A 13 0.77 -1.51 0.19
C LEU A 13 1.87 -0.46 0.30
N THR A 14 1.83 0.52 -0.61
CA THR A 14 2.79 1.62 -0.62
C THR A 14 2.72 2.42 0.69
N MET A 15 1.50 2.79 1.08
CA MET A 15 1.28 3.55 2.32
C MET A 15 1.68 2.77 3.57
N THR A 16 1.13 1.56 3.74
CA THR A 16 1.44 0.74 4.91
C THR A 16 1.92 -0.66 4.52
N THR A 17 2.99 -1.12 5.16
CA THR A 17 3.56 -2.44 4.87
C THR A 17 2.58 -3.57 5.23
N GLN A 18 2.21 -4.35 4.20
CA GLN A 18 1.28 -5.48 4.33
C GLN A 18 -0.15 -5.04 4.67
N SER A 19 -0.30 -4.40 5.82
CA SER A 19 -1.61 -3.90 6.28
C SER A 19 -1.43 -3.06 7.55
N SER A 20 -2.36 -3.18 8.49
CA SER A 20 -2.33 -2.43 9.75
C SER A 20 -2.40 -0.91 9.49
N GLY A 21 -1.64 -0.15 10.26
CA GLY A 21 -1.65 1.31 10.10
C GLY A 21 -0.30 1.94 10.39
N SER A 22 0.61 1.86 9.41
CA SER A 22 1.95 2.42 9.56
C SER A 22 1.91 3.93 9.79
N ARG A 23 2.71 4.41 10.74
CA ARG A 23 2.76 5.84 11.06
C ARG A 23 3.22 6.68 9.86
N ALA A 24 4.20 6.16 9.12
CA ALA A 24 4.73 6.88 7.96
C ALA A 24 3.86 6.73 6.70
N SER A 25 2.54 6.64 6.88
CA SER A 25 1.64 6.53 5.72
C SER A 25 1.38 7.87 5.08
N LEU A 26 2.46 8.52 4.67
CA LEU A 26 2.35 9.79 3.98
C LEU A 26 3.15 9.76 2.66
N PRO A 27 3.07 8.65 1.87
CA PRO A 27 3.80 8.52 0.60
C PRO A 27 3.35 9.54 -0.46
N LYS A 28 4.15 10.60 -0.61
CA LYS A 28 3.87 11.67 -1.58
C LYS A 28 5.05 12.64 -1.66
N ALA A 1 -2.49 -4.92 -14.27
CA ALA A 1 -3.03 -4.86 -12.89
C ALA A 1 -4.56 -4.92 -12.90
N PRO A 2 -5.17 -5.42 -11.81
CA PRO A 2 -6.63 -5.57 -11.67
C PRO A 2 -7.39 -4.24 -11.53
N ALA A 3 -7.10 -3.29 -12.45
CA ALA A 3 -7.76 -1.98 -12.47
C ALA A 3 -7.82 -1.30 -11.08
N ARG A 4 -9.03 -0.96 -10.66
CA ARG A 4 -9.26 -0.29 -9.36
C ARG A 4 -8.70 -1.11 -8.20
N VAL A 5 -8.88 -2.43 -8.26
CA VAL A 5 -8.38 -3.32 -7.21
C VAL A 5 -6.85 -3.25 -7.14
N GLY A 6 -6.22 -3.29 -8.31
CA GLY A 6 -4.77 -3.21 -8.38
C GLY A 6 -4.25 -1.89 -7.83
N LEU A 7 -4.88 -0.78 -8.23
CA LEU A 7 -4.50 0.54 -7.75
C LEU A 7 -4.70 0.64 -6.24
N GLY A 8 -5.81 0.07 -5.76
CA GLY A 8 -6.12 0.09 -4.35
C GLY A 8 -5.09 -0.67 -3.52
N ILE A 9 -4.82 -1.92 -3.88
CA ILE A 9 -3.83 -2.72 -3.15
C ILE A 9 -2.43 -2.12 -3.27
N THR A 10 -2.11 -1.57 -4.45
CA THR A 10 -0.80 -0.94 -4.66
C THR A 10 -0.61 0.27 -3.76
N THR A 11 -1.62 1.15 -3.72
CA THR A 11 -1.57 2.34 -2.89
C THR A 11 -1.53 1.97 -1.41
N VAL A 12 -2.39 1.04 -1.00
CA VAL A 12 -2.42 0.59 0.39
C VAL A 12 -1.07 0.00 0.81
N LEU A 13 -0.53 -0.89 -0.02
CA LEU A 13 0.77 -1.51 0.25
C LEU A 13 1.88 -0.45 0.29
N THR A 14 1.78 0.53 -0.61
CA THR A 14 2.75 1.62 -0.67
C THR A 14 2.73 2.46 0.60
N MET A 15 1.53 2.87 1.02
CA MET A 15 1.37 3.68 2.22
C MET A 15 1.72 2.90 3.50
N THR A 16 1.18 1.70 3.66
CA THR A 16 1.45 0.89 4.83
C THR A 16 1.91 -0.53 4.48
N THR A 17 2.95 -0.99 5.15
CA THR A 17 3.49 -2.34 4.92
C THR A 17 2.61 -3.43 5.57
N GLN A 18 1.36 -3.50 5.14
CA GLN A 18 0.40 -4.47 5.65
C GLN A 18 0.81 -5.91 5.31
N SER A 19 1.56 -6.54 6.20
CA SER A 19 2.02 -7.92 5.98
C SER A 19 0.92 -8.94 6.26
N SER A 20 -0.28 -8.68 5.72
CA SER A 20 -1.46 -9.56 5.88
C SER A 20 -1.96 -9.61 7.33
N GLY A 21 -1.09 -9.94 8.27
CA GLY A 21 -1.47 -10.00 9.67
C GLY A 21 -0.79 -8.94 10.53
N SER A 22 -0.53 -7.78 9.94
CA SER A 22 0.12 -6.68 10.66
C SER A 22 -0.90 -5.68 11.22
N ARG A 23 -1.91 -5.34 10.40
CA ARG A 23 -2.96 -4.38 10.78
C ARG A 23 -2.40 -2.96 10.92
N ALA A 24 -1.68 -2.71 12.01
CA ALA A 24 -1.08 -1.40 12.25
C ALA A 24 0.19 -1.22 11.42
N SER A 25 0.96 -2.30 11.29
CA SER A 25 2.23 -2.29 10.51
C SER A 25 3.27 -1.39 11.14
N LEU A 26 3.61 -1.68 12.40
CA LEU A 26 4.64 -0.92 13.09
C LEU A 26 5.78 -1.84 13.60
N PRO A 27 6.26 -2.79 12.76
CA PRO A 27 7.35 -3.71 13.16
C PRO A 27 8.62 -2.98 13.59
N LYS A 28 8.97 -1.94 12.83
CA LYS A 28 10.14 -1.10 13.09
C LYS A 28 9.95 0.27 12.43
N ALA A 1 -10.93 -5.18 -16.46
CA ALA A 1 -9.82 -5.59 -15.57
C ALA A 1 -9.91 -4.88 -14.22
N PRO A 2 -9.37 -5.50 -13.15
CA PRO A 2 -9.40 -4.95 -11.79
C PRO A 2 -8.46 -3.74 -11.59
N ALA A 3 -8.65 -2.70 -12.41
CA ALA A 3 -7.82 -1.49 -12.32
C ALA A 3 -7.90 -0.86 -10.93
N ARG A 4 -9.11 -0.73 -10.40
CA ARG A 4 -9.32 -0.16 -9.08
C ARG A 4 -8.70 -1.05 -8.00
N VAL A 5 -8.93 -2.36 -8.11
CA VAL A 5 -8.39 -3.31 -7.15
C VAL A 5 -6.86 -3.26 -7.13
N GLY A 6 -6.25 -3.29 -8.32
CA GLY A 6 -4.80 -3.21 -8.42
C GLY A 6 -4.27 -1.90 -7.85
N LEU A 7 -4.87 -0.78 -8.27
CA LEU A 7 -4.47 0.53 -7.77
C LEU A 7 -4.67 0.63 -6.26
N GLY A 8 -5.78 0.05 -5.79
CA GLY A 8 -6.08 0.05 -4.37
C GLY A 8 -5.06 -0.70 -3.55
N ILE A 9 -4.79 -1.96 -3.89
CA ILE A 9 -3.80 -2.74 -3.15
C ILE A 9 -2.39 -2.13 -3.27
N THR A 10 -2.09 -1.57 -4.44
CA THR A 10 -0.80 -0.92 -4.67
C THR A 10 -0.61 0.30 -3.77
N THR A 11 -1.63 1.16 -3.72
CA THR A 11 -1.58 2.35 -2.88
C THR A 11 -1.55 1.99 -1.40
N VAL A 12 -2.41 1.06 -1.00
CA VAL A 12 -2.44 0.60 0.39
C VAL A 12 -1.10 0.00 0.79
N LEU A 13 -0.55 -0.89 -0.05
CA LEU A 13 0.75 -1.50 0.21
C LEU A 13 1.84 -0.43 0.32
N THR A 14 1.82 0.52 -0.62
CA THR A 14 2.79 1.62 -0.63
C THR A 14 2.68 2.47 0.65
N MET A 15 1.46 2.79 1.02
CA MET A 15 1.18 3.60 2.21
C MET A 15 1.53 2.85 3.50
N THR A 16 1.18 1.57 3.59
CA THR A 16 1.45 0.79 4.80
C THR A 16 2.94 0.49 5.00
N THR A 17 3.71 0.42 3.91
CA THR A 17 5.15 0.14 4.03
C THR A 17 5.94 1.43 4.34
N GLN A 18 7.13 1.58 3.77
CA GLN A 18 7.99 2.75 4.01
C GLN A 18 8.39 2.84 5.48
N SER A 19 8.54 1.68 6.12
CA SER A 19 8.91 1.61 7.52
C SER A 19 10.32 1.03 7.69
N SER A 20 11.12 1.67 8.53
CA SER A 20 12.50 1.23 8.79
C SER A 20 12.54 -0.17 9.41
N GLY A 21 11.62 -0.45 10.32
CA GLY A 21 11.57 -1.76 10.96
C GLY A 21 12.59 -1.95 12.07
N SER A 22 13.87 -1.70 11.75
CA SER A 22 14.95 -1.85 12.74
C SER A 22 14.71 -0.95 13.95
N ARG A 23 14.60 -1.56 15.13
CA ARG A 23 14.34 -0.82 16.38
C ARG A 23 15.35 0.31 16.63
N ALA A 24 16.63 0.03 16.39
CA ALA A 24 17.67 1.04 16.59
C ALA A 24 17.46 2.24 15.66
N SER A 25 17.12 1.94 14.41
CA SER A 25 16.87 2.99 13.42
C SER A 25 15.38 3.29 13.31
N LEU A 26 14.74 3.55 14.44
CA LEU A 26 13.33 3.90 14.45
C LEU A 26 13.07 5.34 14.90
N PRO A 27 13.91 6.35 14.52
CA PRO A 27 13.68 7.75 14.95
C PRO A 27 12.31 8.28 14.51
N LYS A 28 11.88 7.83 13.32
CA LYS A 28 10.59 8.21 12.73
C LYS A 28 10.47 9.73 12.52
N ALA A 1 -8.19 -6.12 -16.72
CA ALA A 1 -6.98 -5.91 -15.87
C ALA A 1 -7.38 -5.34 -14.49
N PRO A 2 -6.54 -5.58 -13.46
CA PRO A 2 -6.80 -5.11 -12.08
C PRO A 2 -6.68 -3.58 -11.94
N ALA A 3 -7.62 -2.85 -12.53
CA ALA A 3 -7.60 -1.38 -12.47
C ALA A 3 -7.85 -0.84 -11.05
N ARG A 4 -9.09 -0.93 -10.59
CA ARG A 4 -9.45 -0.43 -9.26
C ARG A 4 -8.77 -1.23 -8.15
N VAL A 5 -8.91 -2.56 -8.21
CA VAL A 5 -8.32 -3.45 -7.21
C VAL A 5 -6.80 -3.26 -7.15
N GLY A 6 -6.17 -3.31 -8.31
CA GLY A 6 -4.73 -3.13 -8.41
C GLY A 6 -4.27 -1.80 -7.83
N LEU A 7 -4.94 -0.72 -8.23
CA LEU A 7 -4.61 0.61 -7.71
C LEU A 7 -4.78 0.68 -6.20
N GLY A 8 -5.87 0.11 -5.72
CA GLY A 8 -6.12 0.10 -4.29
C GLY A 8 -5.09 -0.67 -3.51
N ILE A 9 -4.82 -1.92 -3.89
CA ILE A 9 -3.84 -2.74 -3.18
C ILE A 9 -2.44 -2.14 -3.27
N THR A 10 -2.06 -1.62 -4.44
CA THR A 10 -0.74 -1.01 -4.62
C THR A 10 -0.57 0.24 -3.76
N THR A 11 -1.57 1.12 -3.77
CA THR A 11 -1.50 2.34 -2.96
C THR A 11 -1.48 2.00 -1.47
N VAL A 12 -2.37 1.11 -1.05
CA VAL A 12 -2.43 0.68 0.35
C VAL A 12 -1.10 0.06 0.77
N LEU A 13 -0.57 -0.85 -0.05
CA LEU A 13 0.71 -1.51 0.23
C LEU A 13 1.81 -0.46 0.34
N THR A 14 1.82 0.47 -0.61
CA THR A 14 2.80 1.56 -0.62
C THR A 14 2.69 2.41 0.65
N MET A 15 1.47 2.83 0.95
CA MET A 15 1.21 3.65 2.13
C MET A 15 1.56 2.91 3.44
N THR A 16 1.11 1.66 3.57
CA THR A 16 1.37 0.88 4.79
C THR A 16 2.86 0.57 4.99
N THR A 17 3.60 0.31 3.91
CA THR A 17 5.02 0.01 4.04
C THR A 17 5.83 1.27 4.38
N GLN A 18 5.46 2.39 3.79
CA GLN A 18 6.14 3.67 4.05
C GLN A 18 5.76 4.22 5.43
N SER A 19 4.48 4.10 5.78
CA SER A 19 3.96 4.60 7.06
C SER A 19 4.11 6.12 7.16
N SER A 20 4.45 6.63 8.33
CA SER A 20 4.62 8.07 8.54
C SER A 20 5.93 8.57 7.91
N GLY A 21 7.01 7.84 8.16
CA GLY A 21 8.31 8.23 7.61
C GLY A 21 9.46 7.50 8.27
N SER A 22 10.58 8.22 8.45
CA SER A 22 11.79 7.66 9.08
C SER A 22 12.27 6.40 8.33
N ARG A 23 12.52 5.32 9.05
CA ARG A 23 13.00 4.07 8.43
C ARG A 23 11.82 3.22 7.91
N ALA A 24 10.62 3.80 7.91
CA ALA A 24 9.40 3.10 7.45
C ALA A 24 9.23 1.74 8.12
N SER A 25 8.81 0.72 7.37
CA SER A 25 8.63 -0.61 7.93
C SER A 25 9.76 -1.54 7.58
N LEU A 26 10.94 -0.99 7.44
CA LEU A 26 12.12 -1.80 7.19
C LEU A 26 13.19 -1.55 8.25
N PRO A 27 12.82 -1.51 9.57
CA PRO A 27 13.77 -1.25 10.68
C PRO A 27 14.85 -2.34 10.85
N LYS A 28 15.67 -2.54 9.82
CA LYS A 28 16.73 -3.54 9.86
C LYS A 28 17.95 -3.13 9.01
N ALA A 1 -1.24 -1.11 -13.33
CA ALA A 1 -1.91 -1.92 -12.27
C ALA A 1 -3.22 -2.50 -12.79
N PRO A 2 -3.64 -3.64 -12.22
CA PRO A 2 -4.88 -4.32 -12.61
C PRO A 2 -6.15 -3.59 -12.18
N ALA A 3 -6.44 -2.49 -12.87
CA ALA A 3 -7.63 -1.67 -12.62
C ALA A 3 -7.67 -1.06 -11.21
N ARG A 4 -8.90 -0.85 -10.70
CA ARG A 4 -9.09 -0.25 -9.38
C ARG A 4 -8.55 -1.13 -8.25
N VAL A 5 -8.86 -2.43 -8.29
CA VAL A 5 -8.38 -3.35 -7.26
C VAL A 5 -6.86 -3.28 -7.14
N GLY A 6 -6.21 -3.34 -8.30
CA GLY A 6 -4.76 -3.25 -8.35
C GLY A 6 -4.26 -1.93 -7.81
N LEU A 7 -4.84 -0.83 -8.27
CA LEU A 7 -4.45 0.51 -7.80
C LEU A 7 -4.66 0.64 -6.31
N GLY A 8 -5.79 0.14 -5.83
CA GLY A 8 -6.10 0.21 -4.42
C GLY A 8 -5.11 -0.55 -3.55
N ILE A 9 -4.88 -1.83 -3.87
CA ILE A 9 -3.92 -2.63 -3.09
C ILE A 9 -2.51 -2.05 -3.19
N THR A 10 -2.14 -1.56 -4.38
CA THR A 10 -0.83 -0.95 -4.60
C THR A 10 -0.69 0.29 -3.72
N THR A 11 -1.74 1.10 -3.67
CA THR A 11 -1.74 2.31 -2.85
C THR A 11 -1.61 1.95 -1.38
N VAL A 12 -2.39 0.96 -0.94
CA VAL A 12 -2.34 0.50 0.45
C VAL A 12 -0.96 -0.04 0.78
N LEU A 13 -0.43 -0.94 -0.06
CA LEU A 13 0.89 -1.53 0.14
C LEU A 13 1.96 -0.43 0.24
N THR A 14 1.85 0.55 -0.65
CA THR A 14 2.79 1.68 -0.66
C THR A 14 2.70 2.47 0.65
N MET A 15 1.47 2.84 1.01
CA MET A 15 1.20 3.59 2.24
C MET A 15 1.66 2.83 3.49
N THR A 16 1.31 1.54 3.58
CA THR A 16 1.69 0.73 4.74
C THR A 16 3.18 0.33 4.72
N THR A 17 3.85 0.59 3.59
CA THR A 17 5.28 0.29 3.38
C THR A 17 5.76 -0.97 4.11
N GLN A 18 5.12 -2.10 3.79
CA GLN A 18 5.45 -3.39 4.41
C GLN A 18 6.81 -3.92 3.95
N SER A 19 7.24 -3.52 2.75
CA SER A 19 8.52 -3.96 2.17
C SER A 19 8.53 -5.47 1.91
N SER A 20 7.47 -5.96 1.28
CA SER A 20 7.33 -7.39 0.94
C SER A 20 7.28 -8.28 2.20
N GLY A 21 6.68 -7.76 3.27
CA GLY A 21 6.56 -8.52 4.50
C GLY A 21 5.78 -7.78 5.58
N SER A 22 6.47 -6.98 6.38
CA SER A 22 5.85 -6.20 7.45
C SER A 22 6.86 -5.27 8.09
N ARG A 23 6.47 -4.03 8.37
CA ARG A 23 7.38 -3.08 8.99
C ARG A 23 6.74 -2.36 10.18
N ALA A 24 7.47 -2.31 11.30
CA ALA A 24 6.97 -1.64 12.51
C ALA A 24 7.33 -0.15 12.48
N SER A 25 7.78 0.40 13.61
CA SER A 25 8.16 1.82 13.69
C SER A 25 9.51 2.08 13.05
N LEU A 26 9.58 1.77 11.76
CA LEU A 26 10.78 2.02 10.99
C LEU A 26 10.43 2.78 9.70
N PRO A 27 9.61 3.87 9.78
CA PRO A 27 9.20 4.65 8.60
C PRO A 27 10.38 5.09 7.71
N LYS A 28 10.17 5.01 6.38
CA LYS A 28 11.19 5.38 5.37
C LYS A 28 12.34 4.36 5.33
N ALA A 1 -6.43 -8.53 -14.33
CA ALA A 1 -6.91 -8.12 -12.98
C ALA A 1 -7.57 -6.74 -13.04
N PRO A 2 -8.49 -6.44 -12.12
CA PRO A 2 -9.20 -5.16 -12.05
C PRO A 2 -8.27 -3.98 -11.75
N ALA A 3 -8.42 -2.90 -12.54
CA ALA A 3 -7.59 -1.70 -12.37
C ALA A 3 -7.73 -1.08 -10.99
N ARG A 4 -8.98 -0.88 -10.54
CA ARG A 4 -9.24 -0.28 -9.23
C ARG A 4 -8.63 -1.12 -8.11
N VAL A 5 -8.88 -2.43 -8.15
CA VAL A 5 -8.35 -3.33 -7.13
C VAL A 5 -6.82 -3.31 -7.11
N GLY A 6 -6.22 -3.39 -8.30
CA GLY A 6 -4.78 -3.34 -8.40
C GLY A 6 -4.23 -2.02 -7.87
N LEU A 7 -4.82 -0.92 -8.31
CA LEU A 7 -4.41 0.41 -7.86
C LEU A 7 -4.59 0.54 -6.35
N GLY A 8 -5.77 0.17 -5.86
CA GLY A 8 -6.07 0.26 -4.45
C GLY A 8 -5.09 -0.53 -3.59
N ILE A 9 -4.85 -1.80 -3.93
CA ILE A 9 -3.90 -2.61 -3.17
C ILE A 9 -2.50 -2.02 -3.28
N THR A 10 -2.19 -1.43 -4.44
CA THR A 10 -0.89 -0.79 -4.65
C THR A 10 -0.71 0.39 -3.69
N THR A 11 -1.73 1.26 -3.60
CA THR A 11 -1.65 2.42 -2.70
C THR A 11 -1.57 1.96 -1.25
N VAL A 12 -2.38 0.98 -0.88
CA VAL A 12 -2.38 0.44 0.48
C VAL A 12 -1.01 -0.14 0.83
N LEU A 13 -0.47 -0.96 -0.06
CA LEU A 13 0.84 -1.56 0.15
C LEU A 13 1.92 -0.48 0.22
N THR A 14 1.80 0.51 -0.66
CA THR A 14 2.74 1.62 -0.72
C THR A 14 2.74 2.45 0.56
N MET A 15 1.55 2.90 1.00
CA MET A 15 1.46 3.73 2.20
C MET A 15 0.07 3.74 2.85
N THR A 16 -0.46 2.57 3.21
CA THR A 16 -1.79 2.49 3.85
C THR A 16 -1.87 3.35 5.12
N THR A 17 -0.75 3.46 5.85
CA THR A 17 -0.68 4.23 7.08
C THR A 17 -0.72 5.75 6.85
N GLN A 18 -0.70 6.17 5.58
CA GLN A 18 -0.74 7.61 5.24
C GLN A 18 -2.06 8.23 5.70
N SER A 19 -1.96 9.29 6.50
CA SER A 19 -3.14 9.99 7.01
C SER A 19 -3.70 10.99 5.98
N SER A 20 -5.01 11.08 5.90
CA SER A 20 -5.69 11.99 4.98
C SER A 20 -7.13 12.23 5.42
N GLY A 21 -7.62 13.47 5.26
CA GLY A 21 -8.96 13.80 5.68
C GLY A 21 -9.10 13.82 7.20
N SER A 22 -10.14 13.17 7.71
CA SER A 22 -10.38 13.12 9.15
C SER A 22 -11.36 12.00 9.49
N ARG A 23 -11.00 11.19 10.50
CA ARG A 23 -11.84 10.07 10.96
C ARG A 23 -11.90 8.92 9.94
N ALA A 24 -12.14 9.26 8.67
CA ALA A 24 -12.23 8.26 7.62
C ALA A 24 -11.67 8.80 6.29
N SER A 25 -12.38 8.56 5.19
CA SER A 25 -11.98 9.00 3.84
C SER A 25 -10.57 8.57 3.47
N LEU A 26 -10.37 7.25 3.47
CA LEU A 26 -9.09 6.68 3.08
C LEU A 26 -9.24 5.71 1.89
N PRO A 27 -10.04 6.03 0.83
CA PRO A 27 -10.23 5.14 -0.34
C PRO A 27 -8.90 4.73 -0.98
N LYS A 28 -8.06 5.72 -1.26
CA LYS A 28 -6.74 5.51 -1.86
C LYS A 28 -6.78 4.57 -3.10
N ALA A 1 -10.24 -5.72 -16.53
CA ALA A 1 -9.18 -6.05 -15.52
C ALA A 1 -9.41 -5.30 -14.22
N PRO A 2 -8.94 -5.86 -13.09
CA PRO A 2 -9.09 -5.27 -11.75
C PRO A 2 -8.23 -4.02 -11.53
N ALA A 3 -8.43 -3.00 -12.38
CA ALA A 3 -7.67 -1.75 -12.28
C ALA A 3 -7.85 -1.07 -10.92
N ARG A 4 -9.11 -0.96 -10.48
CA ARG A 4 -9.41 -0.34 -9.18
C ARG A 4 -8.78 -1.16 -8.04
N VAL A 5 -8.88 -2.48 -8.15
CA VAL A 5 -8.32 -3.39 -7.14
C VAL A 5 -6.79 -3.26 -7.12
N GLY A 6 -6.18 -3.32 -8.29
CA GLY A 6 -4.73 -3.18 -8.40
C GLY A 6 -4.24 -1.86 -7.84
N LEU A 7 -4.90 -0.77 -8.23
CA LEU A 7 -4.55 0.56 -7.74
C LEU A 7 -4.72 0.64 -6.23
N GLY A 8 -5.83 0.10 -5.75
CA GLY A 8 -6.11 0.11 -4.33
C GLY A 8 -5.08 -0.66 -3.51
N ILE A 9 -4.82 -1.91 -3.89
CA ILE A 9 -3.83 -2.71 -3.15
C ILE A 9 -2.42 -2.11 -3.26
N THR A 10 -2.09 -1.56 -4.43
CA THR A 10 -0.79 -0.94 -4.64
C THR A 10 -0.61 0.30 -3.77
N THR A 11 -1.63 1.16 -3.75
CA THR A 11 -1.58 2.38 -2.93
C THR A 11 -1.54 2.03 -1.45
N VAL A 12 -2.39 1.08 -1.04
CA VAL A 12 -2.43 0.64 0.35
C VAL A 12 -1.07 0.03 0.75
N LEU A 13 -0.57 -0.90 -0.08
CA LEU A 13 0.72 -1.54 0.18
C LEU A 13 1.83 -0.50 0.28
N THR A 14 1.79 0.49 -0.62
CA THR A 14 2.78 1.57 -0.62
C THR A 14 2.70 2.37 0.67
N MET A 15 1.47 2.75 1.04
CA MET A 15 1.22 3.51 2.26
C MET A 15 1.67 2.74 3.51
N THR A 16 1.30 1.46 3.60
CA THR A 16 1.67 0.64 4.76
C THR A 16 3.12 0.12 4.65
N THR A 17 4.05 1.02 4.31
CA THR A 17 5.47 0.66 4.20
C THR A 17 6.01 0.11 5.52
N GLN A 18 5.58 0.71 6.62
CA GLN A 18 5.99 0.27 7.95
C GLN A 18 5.02 -0.78 8.48
N SER A 19 5.55 -1.90 8.95
CA SER A 19 4.72 -2.99 9.48
C SER A 19 5.56 -3.99 10.27
N SER A 20 4.90 -4.75 11.14
CA SER A 20 5.58 -5.76 11.96
C SER A 20 6.25 -6.83 11.11
N GLY A 21 5.59 -7.20 10.01
CA GLY A 21 6.13 -8.25 9.13
C GLY A 21 5.93 -9.63 9.73
N SER A 22 6.52 -9.85 10.90
CA SER A 22 6.38 -11.12 11.61
C SER A 22 5.42 -10.97 12.80
N ARG A 23 5.61 -11.78 13.83
CA ARG A 23 4.77 -11.78 15.04
C ARG A 23 3.35 -12.31 14.78
N ALA A 24 2.69 -11.77 13.75
CA ALA A 24 1.32 -12.16 13.40
C ALA A 24 0.37 -11.93 14.56
N SER A 25 0.53 -10.79 15.23
CA SER A 25 -0.31 -10.43 16.38
C SER A 25 -1.71 -10.01 15.97
N LEU A 26 -2.40 -10.92 15.30
CA LEU A 26 -3.76 -10.67 14.89
C LEU A 26 -4.73 -11.74 15.44
N PRO A 27 -4.56 -12.19 16.72
CA PRO A 27 -5.45 -13.21 17.32
C PRO A 27 -6.92 -12.80 17.29
N LYS A 28 -7.17 -11.52 17.58
CA LYS A 28 -8.51 -10.94 17.59
C LYS A 28 -9.51 -11.77 18.42
N ALA A 1 -5.89 -7.71 -14.97
CA ALA A 1 -6.40 -7.53 -13.59
C ALA A 1 -7.17 -6.23 -13.46
N PRO A 2 -8.12 -6.15 -12.49
CA PRO A 2 -8.94 -4.95 -12.27
C PRO A 2 -8.11 -3.73 -11.82
N ALA A 3 -8.24 -2.63 -12.56
CA ALA A 3 -7.51 -1.40 -12.26
C ALA A 3 -7.82 -0.88 -10.86
N ARG A 4 -9.10 -0.84 -10.49
CA ARG A 4 -9.53 -0.37 -9.18
C ARG A 4 -8.86 -1.16 -8.05
N VAL A 5 -8.91 -2.48 -8.18
CA VAL A 5 -8.32 -3.35 -7.17
C VAL A 5 -6.80 -3.24 -7.17
N GLY A 6 -6.21 -3.24 -8.36
CA GLY A 6 -4.76 -3.11 -8.48
C GLY A 6 -4.27 -1.81 -7.86
N LEU A 7 -4.92 -0.71 -8.23
CA LEU A 7 -4.58 0.61 -7.69
C LEU A 7 -4.77 0.64 -6.18
N GLY A 8 -5.87 0.06 -5.73
CA GLY A 8 -6.14 0.05 -4.30
C GLY A 8 -5.09 -0.72 -3.51
N ILE A 9 -4.83 -1.97 -3.90
CA ILE A 9 -3.82 -2.77 -3.18
C ILE A 9 -2.43 -2.17 -3.28
N THR A 10 -2.05 -1.64 -4.45
CA THR A 10 -0.73 -1.04 -4.64
C THR A 10 -0.56 0.22 -3.77
N THR A 11 -1.57 1.09 -3.76
CA THR A 11 -1.51 2.31 -2.96
C THR A 11 -1.50 1.99 -1.47
N VAL A 12 -2.38 1.09 -1.05
CA VAL A 12 -2.45 0.69 0.36
C VAL A 12 -1.11 0.09 0.80
N LEU A 13 -0.57 -0.84 0.01
CA LEU A 13 0.72 -1.47 0.32
C LEU A 13 1.83 -0.44 0.36
N THR A 14 1.80 0.51 -0.58
CA THR A 14 2.81 1.57 -0.65
C THR A 14 2.72 2.50 0.56
N MET A 15 1.49 2.92 0.87
CA MET A 15 1.23 3.84 1.98
C MET A 15 1.58 3.22 3.33
N THR A 16 1.20 1.95 3.55
CA THR A 16 1.49 1.29 4.83
C THR A 16 2.98 1.00 4.98
N THR A 17 3.51 1.26 6.17
CA THR A 17 4.93 1.03 6.46
C THR A 17 5.23 -0.45 6.63
N GLN A 18 6.40 -0.87 6.11
CA GLN A 18 6.86 -2.27 6.18
C GLN A 18 6.04 -3.23 5.31
N SER A 19 4.72 -3.20 5.47
CA SER A 19 3.80 -4.06 4.70
C SER A 19 4.15 -5.55 4.86
N SER A 20 4.12 -6.01 6.11
CA SER A 20 4.44 -7.41 6.45
C SER A 20 5.95 -7.68 6.37
N GLY A 21 6.73 -6.84 7.04
CA GLY A 21 8.18 -6.99 7.05
C GLY A 21 8.87 -6.40 5.82
N SER A 22 8.41 -6.79 4.64
CA SER A 22 9.00 -6.30 3.39
C SER A 22 8.03 -6.47 2.23
N ARG A 23 8.15 -5.60 1.22
CA ARG A 23 7.26 -5.68 0.06
C ARG A 23 7.67 -6.77 -0.93
N ALA A 24 7.90 -7.97 -0.41
CA ALA A 24 8.28 -9.10 -1.25
C ALA A 24 7.06 -9.96 -1.61
N SER A 25 6.52 -9.76 -2.81
CA SER A 25 5.35 -10.52 -3.29
C SER A 25 4.14 -10.33 -2.36
N LEU A 26 3.29 -11.36 -2.33
CA LEU A 26 2.07 -11.34 -1.54
C LEU A 26 1.07 -10.20 -1.90
N PRO A 27 1.00 -9.73 -3.20
CA PRO A 27 0.05 -8.66 -3.57
C PRO A 27 -1.40 -8.98 -3.18
N LYS A 28 -1.75 -10.25 -3.23
CA LYS A 28 -3.08 -10.73 -2.87
C LYS A 28 -3.05 -12.23 -2.59
N ALA A 1 -2.51 -4.88 -14.03
CA ALA A 1 -3.20 -4.97 -12.72
C ALA A 1 -4.71 -4.91 -12.88
N PRO A 2 -5.48 -5.43 -11.90
CA PRO A 2 -6.95 -5.44 -11.94
C PRO A 2 -7.61 -4.06 -11.73
N ALA A 3 -7.10 -3.05 -12.45
CA ALA A 3 -7.63 -1.68 -12.39
C ALA A 3 -7.80 -1.14 -10.95
N ARG A 4 -9.06 -0.87 -10.58
CA ARG A 4 -9.41 -0.35 -9.25
C ARG A 4 -8.78 -1.16 -8.11
N VAL A 5 -8.91 -2.48 -8.18
CA VAL A 5 -8.35 -3.35 -7.16
C VAL A 5 -6.82 -3.26 -7.13
N GLY A 6 -6.22 -3.28 -8.31
CA GLY A 6 -4.77 -3.18 -8.41
C GLY A 6 -4.24 -1.87 -7.84
N LEU A 7 -4.87 -0.76 -8.24
CA LEU A 7 -4.48 0.55 -7.74
C LEU A 7 -4.68 0.63 -6.23
N GLY A 8 -5.81 0.09 -5.75
CA GLY A 8 -6.10 0.10 -4.32
C GLY A 8 -5.06 -0.66 -3.51
N ILE A 9 -4.81 -1.93 -3.87
CA ILE A 9 -3.83 -2.72 -3.14
C ILE A 9 -2.42 -2.12 -3.27
N THR A 10 -2.11 -1.56 -4.45
CA THR A 10 -0.80 -0.95 -4.68
C THR A 10 -0.60 0.29 -3.78
N THR A 11 -1.61 1.15 -3.72
CA THR A 11 -1.54 2.35 -2.89
C THR A 11 -1.52 1.98 -1.42
N VAL A 12 -2.41 1.07 -1.01
CA VAL A 12 -2.45 0.62 0.38
C VAL A 12 -1.12 0.00 0.78
N LEU A 13 -0.57 -0.87 -0.07
CA LEU A 13 0.72 -1.50 0.20
C LEU A 13 1.83 -0.45 0.30
N THR A 14 1.81 0.51 -0.63
CA THR A 14 2.78 1.60 -0.65
C THR A 14 2.70 2.43 0.63
N MET A 15 1.48 2.82 1.00
CA MET A 15 1.26 3.61 2.21
C MET A 15 1.63 2.87 3.49
N THR A 16 1.27 1.58 3.59
CA THR A 16 1.57 0.81 4.80
C THR A 16 3.07 0.55 4.98
N THR A 17 3.83 0.40 3.88
CA THR A 17 5.27 0.14 3.99
C THR A 17 6.07 1.45 4.13
N GLN A 18 5.48 2.44 4.78
CA GLN A 18 6.13 3.73 5.00
C GLN A 18 7.13 3.66 6.16
N SER A 19 8.08 2.74 6.07
CA SER A 19 9.11 2.55 7.09
C SER A 19 10.16 3.67 7.07
N SER A 20 9.71 4.92 7.20
CA SER A 20 10.61 6.06 7.19
C SER A 20 9.95 7.29 7.81
N GLY A 21 10.73 8.06 8.57
CA GLY A 21 10.21 9.26 9.21
C GLY A 21 9.95 10.40 8.24
N SER A 22 8.90 10.27 7.44
CA SER A 22 8.54 11.28 6.45
C SER A 22 8.10 12.60 7.11
N ARG A 23 7.12 12.51 8.01
CA ARG A 23 6.60 13.70 8.69
C ARG A 23 7.55 14.17 9.80
N ALA A 24 8.70 14.72 9.41
CA ALA A 24 9.71 15.22 10.35
C ALA A 24 9.17 16.32 11.27
N SER A 25 8.21 17.10 10.79
CA SER A 25 7.62 18.17 11.59
C SER A 25 6.13 18.33 11.33
N LEU A 26 5.55 19.36 11.94
CA LEU A 26 4.11 19.62 11.85
C LEU A 26 3.28 18.43 12.38
N PRO A 27 3.72 17.74 13.48
CA PRO A 27 2.99 16.57 14.04
C PRO A 27 1.50 16.82 14.32
N LYS A 28 0.67 15.87 13.89
CA LYS A 28 -0.78 15.95 14.08
C LYS A 28 -1.38 14.55 14.29
N ALA A 1 -14.51 -6.23 -5.98
CA ALA A 1 -13.45 -5.21 -5.77
C ALA A 1 -13.91 -3.83 -6.24
N PRO A 2 -13.37 -2.76 -5.64
CA PRO A 2 -13.71 -1.37 -5.96
C PRO A 2 -13.16 -0.90 -7.32
N ALA A 3 -13.43 -1.70 -8.37
CA ALA A 3 -12.99 -1.40 -9.74
C ALA A 3 -11.46 -1.38 -9.88
N ARG A 4 -10.80 -0.42 -9.25
CA ARG A 4 -9.35 -0.31 -9.31
C ARG A 4 -8.67 -1.11 -8.20
N VAL A 5 -8.91 -2.42 -8.22
CA VAL A 5 -8.35 -3.34 -7.25
C VAL A 5 -6.82 -3.21 -7.14
N GLY A 6 -6.16 -3.37 -8.29
CA GLY A 6 -4.70 -3.26 -8.34
C GLY A 6 -4.19 -1.93 -7.82
N LEU A 7 -4.81 -0.83 -8.26
CA LEU A 7 -4.43 0.50 -7.81
C LEU A 7 -4.63 0.66 -6.32
N GLY A 8 -5.78 0.20 -5.83
CA GLY A 8 -6.08 0.29 -4.42
C GLY A 8 -5.12 -0.52 -3.56
N ILE A 9 -4.91 -1.79 -3.90
CA ILE A 9 -3.99 -2.64 -3.13
C ILE A 9 -2.56 -2.09 -3.21
N THR A 10 -2.17 -1.58 -4.38
CA THR A 10 -0.83 -1.02 -4.56
C THR A 10 -0.69 0.22 -3.68
N THR A 11 -1.72 1.06 -3.63
CA THR A 11 -1.72 2.27 -2.82
C THR A 11 -1.61 1.89 -1.33
N VAL A 12 -2.41 0.91 -0.91
CA VAL A 12 -2.37 0.44 0.47
C VAL A 12 -0.98 -0.10 0.81
N LEU A 13 -0.43 -0.94 -0.06
CA LEU A 13 0.91 -1.49 0.12
C LEU A 13 1.95 -0.37 0.20
N THR A 14 1.82 0.59 -0.71
CA THR A 14 2.73 1.75 -0.76
C THR A 14 2.70 2.53 0.57
N MET A 15 1.51 2.85 1.05
CA MET A 15 1.39 3.60 2.30
C MET A 15 1.73 2.76 3.54
N THR A 16 1.40 1.46 3.53
CA THR A 16 1.66 0.60 4.69
C THR A 16 3.11 0.11 4.80
N THR A 17 3.89 0.20 3.72
CA THR A 17 5.29 -0.27 3.77
C THR A 17 6.20 0.71 4.53
N GLN A 18 5.74 1.08 5.72
CA GLN A 18 6.48 2.00 6.60
C GLN A 18 7.66 1.29 7.26
N SER A 19 8.66 0.94 6.45
CA SER A 19 9.85 0.24 6.93
C SER A 19 9.49 -1.14 7.48
N SER A 20 8.60 -1.84 6.75
CA SER A 20 8.14 -3.17 7.15
C SER A 20 9.29 -4.17 7.22
N GLY A 21 10.20 -4.09 6.25
CA GLY A 21 11.35 -4.99 6.20
C GLY A 21 12.42 -4.66 7.24
N SER A 22 12.02 -4.70 8.51
CA SER A 22 12.93 -4.40 9.62
C SER A 22 12.58 -5.24 10.85
N ARG A 23 11.30 -5.24 11.21
CA ARG A 23 10.82 -6.00 12.36
C ARG A 23 9.31 -6.24 12.26
N ALA A 24 8.87 -6.66 11.07
CA ALA A 24 7.45 -6.93 10.80
C ALA A 24 6.57 -5.69 10.96
N SER A 25 7.00 -4.56 10.40
CA SER A 25 6.24 -3.32 10.49
C SER A 25 5.07 -3.29 9.52
N LEU A 26 4.13 -4.18 9.75
CA LEU A 26 2.93 -4.24 8.93
C LEU A 26 1.65 -4.18 9.80
N PRO A 27 1.59 -3.28 10.84
CA PRO A 27 0.42 -3.16 11.72
C PRO A 27 -0.90 -2.95 10.97
N LYS A 28 -1.97 -3.57 11.46
CA LYS A 28 -3.30 -3.47 10.86
C LYS A 28 -4.39 -3.40 11.93
N ALA A 1 -9.35 -5.90 -16.77
CA ALA A 1 -8.52 -6.18 -15.56
C ALA A 1 -8.99 -5.35 -14.36
N PRO A 2 -8.78 -5.85 -13.14
CA PRO A 2 -9.18 -5.17 -11.89
C PRO A 2 -8.33 -3.92 -11.59
N ALA A 3 -8.46 -2.88 -12.44
CA ALA A 3 -7.71 -1.63 -12.27
C ALA A 3 -7.93 -1.02 -10.88
N ARG A 4 -9.19 -0.95 -10.45
CA ARG A 4 -9.54 -0.41 -9.13
C ARG A 4 -8.85 -1.21 -8.02
N VAL A 5 -8.92 -2.52 -8.12
CA VAL A 5 -8.29 -3.40 -7.13
C VAL A 5 -6.77 -3.25 -7.14
N GLY A 6 -6.18 -3.29 -8.34
CA GLY A 6 -4.74 -3.13 -8.47
C GLY A 6 -4.26 -1.81 -7.87
N LEU A 7 -4.92 -0.72 -8.24
CA LEU A 7 -4.59 0.61 -7.73
C LEU A 7 -4.75 0.65 -6.21
N GLY A 8 -5.86 0.11 -5.73
CA GLY A 8 -6.12 0.10 -4.31
C GLY A 8 -5.09 -0.68 -3.51
N ILE A 9 -4.83 -1.93 -3.90
CA ILE A 9 -3.85 -2.74 -3.17
C ILE A 9 -2.44 -2.14 -3.27
N THR A 10 -2.06 -1.63 -4.44
CA THR A 10 -0.73 -1.02 -4.60
C THR A 10 -0.59 0.24 -3.76
N THR A 11 -1.59 1.11 -3.77
CA THR A 11 -1.55 2.33 -2.98
C THR A 11 -1.53 2.02 -1.49
N VAL A 12 -2.38 1.08 -1.07
CA VAL A 12 -2.42 0.67 0.33
C VAL A 12 -1.07 0.08 0.76
N LEU A 13 -0.57 -0.90 -0.01
CA LEU A 13 0.73 -1.52 0.29
C LEU A 13 1.84 -0.48 0.32
N THR A 14 1.77 0.50 -0.58
CA THR A 14 2.77 1.57 -0.63
C THR A 14 2.70 2.43 0.63
N MET A 15 1.49 2.85 0.98
CA MET A 15 1.27 3.67 2.17
C MET A 15 1.69 2.95 3.46
N THR A 16 1.22 1.71 3.64
CA THR A 16 1.58 0.94 4.83
C THR A 16 2.78 0.02 4.57
N THR A 17 3.77 0.55 3.85
CA THR A 17 4.99 -0.21 3.52
C THR A 17 5.77 -0.64 4.77
N GLN A 18 5.70 0.16 5.82
CA GLN A 18 6.40 -0.14 7.08
C GLN A 18 5.65 -1.16 7.93
N SER A 19 5.39 -2.34 7.36
CA SER A 19 4.67 -3.42 8.07
C SER A 19 3.24 -2.99 8.45
N SER A 20 2.90 -3.08 9.74
CA SER A 20 1.56 -2.71 10.21
C SER A 20 1.56 -2.42 11.71
N GLY A 21 0.66 -1.53 12.14
CA GLY A 21 0.58 -1.18 13.55
C GLY A 21 -0.63 -0.32 13.88
N SER A 22 -0.43 0.73 14.67
CA SER A 22 -1.52 1.64 15.06
C SER A 22 -1.98 2.54 13.90
N ARG A 23 -1.22 2.54 12.80
CA ARG A 23 -1.54 3.37 11.62
C ARG A 23 -1.49 4.87 11.96
N ALA A 24 -2.39 5.65 11.36
CA ALA A 24 -2.46 7.10 11.57
C ALA A 24 -1.13 7.80 11.31
N SER A 25 -0.41 7.35 10.28
CA SER A 25 0.89 7.95 9.91
C SER A 25 1.33 7.48 8.54
N LEU A 26 2.61 7.74 8.24
CA LEU A 26 3.20 7.40 6.95
C LEU A 26 2.53 8.15 5.78
N PRO A 27 2.08 9.43 5.95
CA PRO A 27 1.42 10.19 4.85
C PRO A 27 2.25 10.21 3.56
N LYS A 28 1.62 9.87 2.44
CA LYS A 28 2.29 9.84 1.15
C LYS A 28 1.29 9.96 0.00
N ALA A 1 -16.21 -6.82 -5.33
CA ALA A 1 -14.77 -6.44 -5.27
C ALA A 1 -14.56 -5.03 -5.83
N PRO A 2 -13.50 -4.34 -5.38
CA PRO A 2 -13.17 -2.98 -5.83
C PRO A 2 -12.79 -2.92 -7.30
N ALA A 3 -13.40 -1.98 -8.05
CA ALA A 3 -13.11 -1.82 -9.47
C ALA A 3 -11.61 -1.61 -9.71
N ARG A 4 -11.03 -0.68 -8.96
CA ARG A 4 -9.60 -0.41 -9.07
C ARG A 4 -8.79 -1.22 -8.07
N VAL A 5 -8.98 -2.54 -8.10
CA VAL A 5 -8.30 -3.48 -7.21
C VAL A 5 -6.78 -3.24 -7.17
N GLY A 6 -6.16 -3.31 -8.34
CA GLY A 6 -4.72 -3.11 -8.45
C GLY A 6 -4.26 -1.79 -7.86
N LEU A 7 -4.95 -0.71 -8.23
CA LEU A 7 -4.63 0.62 -7.72
C LEU A 7 -4.77 0.66 -6.21
N GLY A 8 -5.87 0.11 -5.70
CA GLY A 8 -6.11 0.11 -4.28
C GLY A 8 -5.07 -0.69 -3.50
N ILE A 9 -4.82 -1.93 -3.91
CA ILE A 9 -3.84 -2.76 -3.21
C ILE A 9 -2.43 -2.18 -3.28
N THR A 10 -2.04 -1.63 -4.44
CA THR A 10 -0.71 -1.02 -4.58
C THR A 10 -0.57 0.24 -3.75
N THR A 11 -1.59 1.11 -3.78
CA THR A 11 -1.55 2.35 -3.00
C THR A 11 -1.52 2.05 -1.50
N VAL A 12 -2.38 1.12 -1.08
CA VAL A 12 -2.43 0.72 0.33
C VAL A 12 -1.08 0.10 0.76
N LEU A 13 -0.59 -0.85 -0.03
CA LEU A 13 0.69 -1.51 0.26
C LEU A 13 1.82 -0.47 0.37
N THR A 14 1.83 0.47 -0.58
CA THR A 14 2.82 1.53 -0.60
C THR A 14 2.71 2.39 0.67
N MET A 15 1.49 2.77 1.00
CA MET A 15 1.23 3.59 2.19
C MET A 15 1.63 2.84 3.48
N THR A 16 1.10 1.64 3.67
CA THR A 16 1.44 0.85 4.87
C THR A 16 2.72 0.02 4.66
N THR A 17 3.70 0.61 3.97
CA THR A 17 4.98 -0.05 3.71
C THR A 17 5.74 -0.33 5.00
N GLN A 18 5.51 0.52 6.01
CA GLN A 18 6.16 0.40 7.33
C GLN A 18 7.69 0.36 7.22
N SER A 19 8.29 -0.80 7.45
CA SER A 19 9.74 -0.97 7.38
C SER A 19 10.13 -2.44 7.24
N SER A 20 11.10 -2.71 6.38
CA SER A 20 11.57 -4.08 6.15
C SER A 20 12.49 -4.58 7.27
N GLY A 21 12.08 -4.38 8.52
CA GLY A 21 12.89 -4.83 9.64
C GLY A 21 12.55 -4.11 10.94
N SER A 22 13.55 -4.00 11.81
CA SER A 22 13.37 -3.34 13.11
C SER A 22 13.72 -1.86 13.03
N ARG A 23 14.54 -1.48 12.05
CA ARG A 23 14.95 -0.09 11.89
C ARG A 23 13.78 0.82 11.51
N ALA A 24 13.65 1.94 12.22
CA ALA A 24 12.59 2.90 11.96
C ALA A 24 12.83 3.61 10.61
N SER A 25 11.75 3.74 9.83
CA SER A 25 11.82 4.38 8.50
C SER A 25 12.70 3.61 7.55
N LEU A 26 12.41 2.32 7.44
CA LEU A 26 13.12 1.46 6.52
C LEU A 26 12.13 0.80 5.54
N PRO A 27 11.23 1.59 4.88
CA PRO A 27 10.24 1.05 3.93
C PRO A 27 10.84 0.10 2.89
N LYS A 28 11.98 0.49 2.33
CA LYS A 28 12.68 -0.33 1.34
C LYS A 28 13.79 -1.15 2.00
N ALA A 1 -9.93 -5.56 -16.74
CA ALA A 1 -9.03 -5.95 -15.63
C ALA A 1 -9.35 -5.17 -14.35
N PRO A 2 -8.99 -5.73 -13.18
CA PRO A 2 -9.23 -5.10 -11.88
C PRO A 2 -8.31 -3.90 -11.59
N ALA A 3 -8.37 -2.89 -12.47
CA ALA A 3 -7.53 -1.69 -12.33
C ALA A 3 -7.75 -1.01 -10.98
N ARG A 4 -9.01 -0.86 -10.57
CA ARG A 4 -9.35 -0.23 -9.29
C ARG A 4 -8.78 -1.05 -8.13
N VAL A 5 -8.90 -2.37 -8.24
CA VAL A 5 -8.38 -3.28 -7.21
C VAL A 5 -6.85 -3.20 -7.15
N GLY A 6 -6.21 -3.28 -8.31
CA GLY A 6 -4.76 -3.20 -8.39
C GLY A 6 -4.23 -1.88 -7.84
N LEU A 7 -4.85 -0.78 -8.26
CA LEU A 7 -4.47 0.54 -7.78
C LEU A 7 -4.68 0.65 -6.27
N GLY A 8 -5.81 0.12 -5.80
CA GLY A 8 -6.11 0.14 -4.38
C GLY A 8 -5.10 -0.63 -3.55
N ILE A 9 -4.86 -1.90 -3.90
CA ILE A 9 -3.90 -2.72 -3.15
C ILE A 9 -2.48 -2.14 -3.23
N THR A 10 -2.08 -1.65 -4.40
CA THR A 10 -0.75 -1.05 -4.54
C THR A 10 -0.62 0.23 -3.71
N THR A 11 -1.69 1.02 -3.66
CA THR A 11 -1.71 2.25 -2.88
C THR A 11 -1.60 1.92 -1.39
N VAL A 12 -2.42 0.96 -0.95
CA VAL A 12 -2.42 0.52 0.44
C VAL A 12 -1.04 -0.01 0.83
N LEU A 13 -0.49 -0.89 -0.02
CA LEU A 13 0.84 -1.45 0.23
C LEU A 13 1.90 -0.35 0.29
N THR A 14 1.86 0.56 -0.68
CA THR A 14 2.80 1.69 -0.74
C THR A 14 2.71 2.55 0.53
N MET A 15 1.48 2.81 0.95
CA MET A 15 1.22 3.63 2.14
C MET A 15 1.66 2.91 3.43
N THR A 16 1.30 1.63 3.58
CA THR A 16 1.67 0.88 4.78
C THR A 16 3.17 0.59 4.85
N THR A 17 3.79 0.27 3.72
CA THR A 17 5.22 -0.03 3.68
C THR A 17 5.87 0.58 2.43
N GLN A 18 7.07 1.13 2.61
CA GLN A 18 7.78 1.76 1.51
C GLN A 18 9.25 1.95 1.84
N SER A 19 9.52 2.52 3.03
CA SER A 19 10.88 2.78 3.51
C SER A 19 11.71 3.55 2.48
N SER A 20 11.16 4.66 1.99
CA SER A 20 11.84 5.48 0.99
C SER A 20 11.26 6.90 0.96
N GLY A 21 11.41 7.58 -0.18
CA GLY A 21 10.88 8.92 -0.30
C GLY A 21 11.31 9.61 -1.59
N SER A 22 11.75 10.86 -1.47
CA SER A 22 12.21 11.68 -2.61
C SER A 22 11.06 12.04 -3.56
N ARG A 23 10.39 11.03 -4.10
CA ARG A 23 9.28 11.25 -5.02
C ARG A 23 7.93 11.24 -4.28
N ALA A 24 7.71 10.20 -3.47
CA ALA A 24 6.48 10.03 -2.67
C ALA A 24 5.23 9.74 -3.52
N SER A 25 5.00 10.56 -4.54
CA SER A 25 3.84 10.37 -5.42
C SER A 25 4.04 9.22 -6.38
N LEU A 26 3.29 8.15 -6.14
CA LEU A 26 3.33 6.96 -6.98
C LEU A 26 2.40 7.03 -8.23
N PRO A 27 1.41 7.97 -8.34
CA PRO A 27 0.51 8.01 -9.53
C PRO A 27 1.24 8.22 -10.85
N LYS A 28 2.24 9.11 -10.85
CA LYS A 28 3.03 9.42 -12.06
C LYS A 28 4.23 10.30 -11.74
N ALA A 1 -15.51 -6.95 -8.07
CA ALA A 1 -14.24 -6.38 -7.54
C ALA A 1 -14.40 -4.88 -7.25
N PRO A 2 -13.56 -4.34 -6.35
CA PRO A 2 -13.59 -2.91 -5.97
C PRO A 2 -13.02 -1.98 -7.03
N ALA A 3 -13.49 -2.14 -8.28
CA ALA A 3 -13.04 -1.32 -9.41
C ALA A 3 -11.52 -1.40 -9.61
N ARG A 4 -10.81 -0.38 -9.14
CA ARG A 4 -9.36 -0.33 -9.26
C ARG A 4 -8.66 -1.13 -8.17
N VAL A 5 -8.92 -2.43 -8.16
CA VAL A 5 -8.32 -3.35 -7.20
C VAL A 5 -6.80 -3.21 -7.14
N GLY A 6 -6.17 -3.33 -8.31
CA GLY A 6 -4.72 -3.22 -8.40
C GLY A 6 -4.18 -1.91 -7.83
N LEU A 7 -4.79 -0.80 -8.24
CA LEU A 7 -4.39 0.52 -7.75
C LEU A 7 -4.64 0.63 -6.25
N GLY A 8 -5.79 0.12 -5.81
CA GLY A 8 -6.12 0.17 -4.40
C GLY A 8 -5.13 -0.59 -3.53
N ILE A 9 -4.86 -1.86 -3.88
CA ILE A 9 -3.91 -2.66 -3.11
C ILE A 9 -2.50 -2.08 -3.21
N THR A 10 -2.13 -1.57 -4.38
CA THR A 10 -0.81 -0.96 -4.59
C THR A 10 -0.67 0.29 -3.72
N THR A 11 -1.73 1.09 -3.66
CA THR A 11 -1.73 2.31 -2.85
C THR A 11 -1.60 1.96 -1.37
N VAL A 12 -2.44 1.01 -0.93
CA VAL A 12 -2.40 0.56 0.46
C VAL A 12 -1.03 -0.04 0.80
N LEU A 13 -0.51 -0.90 -0.08
CA LEU A 13 0.79 -1.52 0.11
C LEU A 13 1.89 -0.46 0.18
N THR A 14 1.82 0.54 -0.70
CA THR A 14 2.78 1.63 -0.73
C THR A 14 2.73 2.44 0.56
N MET A 15 1.51 2.79 0.97
CA MET A 15 1.28 3.57 2.18
C MET A 15 1.75 2.84 3.45
N THR A 16 1.42 1.54 3.56
CA THR A 16 1.82 0.77 4.73
C THR A 16 3.34 0.56 4.78
N THR A 17 3.89 0.54 5.99
CA THR A 17 5.32 0.36 6.19
C THR A 17 5.81 -1.03 5.72
N GLN A 18 4.87 -1.95 5.50
CA GLN A 18 5.22 -3.31 5.06
C GLN A 18 6.02 -3.31 3.76
N SER A 19 5.60 -2.49 2.79
CA SER A 19 6.31 -2.40 1.51
C SER A 19 7.48 -1.42 1.61
N SER A 20 8.30 -1.58 2.65
CA SER A 20 9.45 -0.71 2.90
C SER A 20 9.03 0.75 3.08
N GLY A 21 7.93 0.96 3.79
CA GLY A 21 7.42 2.30 4.03
C GLY A 21 8.35 3.13 4.92
N SER A 22 8.83 2.52 6.00
CA SER A 22 9.74 3.20 6.93
C SER A 22 11.17 3.25 6.40
N ARG A 23 11.30 3.66 5.15
CA ARG A 23 12.58 3.77 4.43
C ARG A 23 13.17 2.39 4.13
N ALA A 24 13.62 2.20 2.88
CA ALA A 24 14.20 0.92 2.45
C ALA A 24 15.63 0.71 2.99
N SER A 25 15.81 0.88 4.30
CA SER A 25 17.11 0.69 4.94
C SER A 25 17.02 0.75 6.46
N LEU A 26 17.31 -0.40 7.05
CA LEU A 26 17.32 -0.57 8.50
C LEU A 26 18.46 0.21 9.20
N PRO A 27 19.64 0.48 8.55
CA PRO A 27 20.75 1.21 9.21
C PRO A 27 20.37 2.63 9.64
N LYS A 28 21.36 3.44 10.02
CA LYS A 28 21.11 4.82 10.45
C LYS A 28 20.76 5.73 9.26
#